data_4DOR
#
_entry.id   4DOR
#
_cell.length_a   63.522
_cell.length_b   59.439
_cell.length_c   74.201
_cell.angle_alpha   90.000
_cell.angle_beta   100.130
_cell.angle_gamma   90.000
#
_symmetry.space_group_name_H-M   'P 1 21 1'
#
loop_
_entity.id
_entity.type
_entity.pdbx_description
1 polymer 'Nuclear receptor subfamily 5 group A member 2'
2 polymer 'Nuclear receptor subfamily 0 group B member 2'
3 non-polymer L-ALPHA-PHOSPHATIDYL-BETA-OLEOYL-GAMMA-PALMITOYL-PHOSPHATIDYLETHANOLAMINE
4 water water
#
loop_
_entity_poly.entity_id
_entity_poly.type
_entity_poly.pdbx_seq_one_letter_code
_entity_poly.pdbx_strand_id
1 'polypeptide(L)'
;GEFMDSYQTSSPASIPHLILELLKCEPDEPQVQAKIMAYLQQEQANRSKHEKLSTFGLMCKMADQTLFSIVEWARSSIFF
RELKVDDQMKLLQNCWSELLILDHIYRQVVHGKEGSIFLVTGQQVDYSIIASQAGATLNNLMSHAQELVAKLRSLQFDQR
EFVCLKFLVLFSLDVKNLENFQLVEGVQEQVNAALLDYTMCNYPQQTEKFGQLLLRLPEIRAISMQAEEYLYYKHLNGDV
PYNNLLIEMLHAKRA
;
A,B
2 'polypeptide(L)' ASRPAILYALLSSS C,D
#
loop_
_chem_comp.id
_chem_comp.type
_chem_comp.name
_chem_comp.formula
EPH non-polymer L-ALPHA-PHOSPHATIDYL-BETA-OLEOYL-GAMMA-PALMITOYL-PHOSPHATIDYLETHANOLAMINE 'C39 H68 N O8 P'
#
# COMPACT_ATOMS: atom_id res chain seq x y z
N SER A 14 -41.13 25.22 -10.70
CA SER A 14 -41.58 25.47 -9.29
C SER A 14 -40.83 24.52 -8.34
N ILE A 15 -40.25 25.09 -7.28
CA ILE A 15 -39.30 24.35 -6.45
C ILE A 15 -39.55 24.61 -4.98
N PRO A 16 -39.85 23.56 -4.19
CA PRO A 16 -39.96 23.72 -2.75
C PRO A 16 -38.75 24.47 -2.22
N HIS A 17 -38.96 25.35 -1.26
CA HIS A 17 -37.84 26.12 -0.78
C HIS A 17 -36.74 25.25 -0.17
N LEU A 18 -37.15 24.14 0.44
CA LEU A 18 -36.15 23.19 0.97
C LEU A 18 -35.15 22.69 -0.10
N ILE A 19 -35.63 22.38 -1.31
CA ILE A 19 -34.75 21.94 -2.40
C ILE A 19 -33.81 23.05 -2.89
N LEU A 20 -34.31 24.28 -2.95
CA LEU A 20 -33.44 25.42 -3.28
C LEU A 20 -32.27 25.53 -2.31
N GLU A 21 -32.55 25.38 -1.02
CA GLU A 21 -31.51 25.40 0.00
C GLU A 21 -30.55 24.21 -0.07
N LEU A 22 -31.04 23.04 -0.47
CA LEU A 22 -30.13 21.92 -0.73
C LEU A 22 -29.25 22.25 -1.94
N LEU A 23 -29.83 22.87 -2.96
CA LEU A 23 -29.05 23.24 -4.17
C LEU A 23 -27.91 24.20 -3.88
N LYS A 24 -28.09 25.07 -2.87
CA LYS A 24 -27.10 26.09 -2.53
C LYS A 24 -25.89 25.46 -1.88
N CYS A 25 -26.08 24.25 -1.38
CA CYS A 25 -25.00 23.49 -0.79
C CYS A 25 -24.16 22.71 -1.80
N GLU A 26 -24.59 22.68 -3.07
CA GLU A 26 -23.97 21.84 -4.09
C GLU A 26 -22.67 22.44 -4.62
N PRO A 27 -21.62 21.61 -4.78
CA PRO A 27 -20.43 22.10 -5.49
C PRO A 27 -20.70 22.14 -7.00
N ASP A 28 -19.92 22.92 -7.74
CA ASP A 28 -19.94 22.83 -9.20
C ASP A 28 -19.12 21.60 -9.62
N GLU A 29 -19.81 20.50 -9.96
CA GLU A 29 -19.10 19.22 -10.17
C GLU A 29 -18.12 19.18 -11.36
N PRO A 30 -18.47 19.82 -12.51
CA PRO A 30 -17.49 19.97 -13.59
C PRO A 30 -16.18 20.62 -13.15
N GLN A 31 -16.26 21.71 -12.39
CA GLN A 31 -15.07 22.34 -11.85
C GLN A 31 -14.33 21.38 -10.93
N VAL A 32 -15.08 20.69 -10.06
CA VAL A 32 -14.50 19.73 -9.12
C VAL A 32 -13.73 18.66 -9.89
N GLN A 33 -14.35 18.12 -10.93
CA GLN A 33 -13.73 17.05 -11.69
C GLN A 33 -12.57 17.56 -12.56
N ALA A 34 -12.66 18.78 -13.10
CA ALA A 34 -11.50 19.39 -13.80
C ALA A 34 -10.30 19.55 -12.89
N LYS A 35 -10.54 19.99 -11.65
CA LYS A 35 -9.44 20.17 -10.70
C LYS A 35 -8.78 18.85 -10.38
N ILE A 36 -9.58 17.80 -10.28
CA ILE A 36 -9.04 16.46 -10.01
C ILE A 36 -8.20 15.96 -11.18
N MET A 37 -8.75 16.06 -12.39
CA MET A 37 -8.02 15.70 -13.60
C MET A 37 -6.69 16.45 -13.70
N ALA A 38 -6.72 17.76 -13.50
CA ALA A 38 -5.51 18.60 -13.47
C ALA A 38 -4.46 18.11 -12.43
N TYR A 39 -4.92 17.84 -11.20
CA TYR A 39 -4.04 17.32 -10.15
C TYR A 39 -3.36 15.98 -10.59
N LEU A 40 -4.15 15.09 -11.15
CA LEU A 40 -3.69 13.76 -11.56
C LEU A 40 -2.82 13.81 -12.80
N GLN A 41 -3.11 14.74 -13.70
CA GLN A 41 -2.24 14.92 -14.88
C GLN A 41 -0.85 15.35 -14.41
N GLN A 42 -0.81 16.30 -13.48
CA GLN A 42 0.46 16.81 -12.96
C GLN A 42 1.22 15.72 -12.19
N GLU A 43 0.53 15.01 -11.30
CA GLU A 43 1.20 13.91 -10.61
C GLU A 43 1.79 12.87 -11.56
N GLN A 44 1.02 12.47 -12.56
CA GLN A 44 1.50 11.46 -13.52
C GLN A 44 2.72 11.99 -14.29
N ALA A 45 2.69 13.27 -14.64
CA ALA A 45 3.84 13.96 -15.25
C ALA A 45 5.04 14.14 -14.30
N ASN A 46 4.82 14.18 -12.99
CA ASN A 46 5.93 14.12 -12.04
C ASN A 46 6.55 12.72 -11.92
N ARG A 47 5.82 11.67 -12.33
CA ARG A 47 6.34 10.30 -12.17
C ARG A 47 7.23 9.87 -13.34
N SER A 48 8.34 9.19 -13.02
CA SER A 48 9.15 8.57 -14.09
C SER A 48 8.39 7.45 -14.79
N LYS A 49 8.83 7.13 -16.01
CA LYS A 49 8.31 6.04 -16.81
C LYS A 49 8.31 4.72 -16.02
N HIS A 50 9.12 4.63 -15.00
CA HIS A 50 9.20 3.41 -14.22
C HIS A 50 8.29 3.35 -13.02
N GLU A 51 7.56 4.41 -12.81
CA GLU A 51 6.60 4.49 -11.74
C GLU A 51 5.26 5.15 -12.09
N LYS A 52 4.90 5.12 -13.35
CA LYS A 52 3.61 5.59 -13.78
C LYS A 52 2.43 4.79 -13.16
N LEU A 53 1.35 5.49 -12.89
CA LEU A 53 0.17 4.86 -12.41
C LEU A 53 -0.51 4.10 -13.55
N SER A 54 -1.06 2.95 -13.23
CA SER A 54 -1.93 2.21 -14.14
C SER A 54 -3.29 2.92 -14.26
N THR A 55 -4.08 2.51 -15.24
CA THR A 55 -5.42 3.04 -15.39
C THR A 55 -6.24 2.78 -14.15
N PHE A 56 -6.12 1.56 -13.63
CA PHE A 56 -6.80 1.21 -12.41
C PHE A 56 -6.35 2.12 -11.24
N GLY A 57 -5.04 2.37 -11.12
CA GLY A 57 -4.49 3.24 -10.05
C GLY A 57 -5.08 4.63 -10.20
N LEU A 58 -5.09 5.15 -11.43
CA LEU A 58 -5.69 6.44 -11.71
C LEU A 58 -7.16 6.51 -11.33
N MET A 59 -7.92 5.48 -11.67
CA MET A 59 -9.34 5.49 -11.34
C MET A 59 -9.54 5.48 -9.80
N CYS A 60 -8.69 4.75 -9.08
CA CYS A 60 -8.79 4.82 -7.58
C CYS A 60 -8.45 6.20 -6.99
N LYS A 61 -7.42 6.84 -7.53
CA LYS A 61 -7.05 8.17 -7.06
C LYS A 61 -8.16 9.19 -7.41
N MET A 62 -8.83 8.99 -8.55
CA MET A 62 -9.99 9.85 -8.88
C MET A 62 -11.07 9.67 -7.81
N ALA A 63 -11.28 8.42 -7.40
CA ALA A 63 -12.30 8.11 -6.39
C ALA A 63 -11.96 8.72 -5.02
N ASP A 64 -10.68 8.65 -4.64
CA ASP A 64 -10.19 9.22 -3.39
C ASP A 64 -10.48 10.71 -3.39
N GLN A 65 -10.13 11.37 -4.51
CA GLN A 65 -10.29 12.81 -4.53
C GLN A 65 -11.78 13.23 -4.57
N THR A 66 -12.61 12.44 -5.23
CA THR A 66 -14.06 12.67 -5.23
C THR A 66 -14.60 12.51 -3.81
N LEU A 67 -14.04 11.56 -3.07
CA LEU A 67 -14.43 11.41 -1.66
C LEU A 67 -14.13 12.62 -0.81
N PHE A 68 -12.97 13.27 -1.05
CA PHE A 68 -12.68 14.53 -0.36
C PHE A 68 -13.74 15.58 -0.66
N SER A 69 -14.13 15.65 -1.93
CA SER A 69 -15.16 16.60 -2.36
C SER A 69 -16.49 16.29 -1.68
N ILE A 70 -16.82 15.00 -1.57
CA ILE A 70 -18.06 14.59 -0.90
C ILE A 70 -18.04 14.95 0.59
N VAL A 71 -16.91 14.68 1.26
CA VAL A 71 -16.79 15.03 2.67
C VAL A 71 -16.91 16.55 2.88
N GLU A 72 -16.26 17.31 2.00
CA GLU A 72 -16.36 18.79 2.04
C GLU A 72 -17.81 19.26 1.80
N TRP A 73 -18.48 18.65 0.83
CA TRP A 73 -19.89 18.96 0.57
C TRP A 73 -20.71 18.73 1.87
N ALA A 74 -20.53 17.58 2.50
CA ALA A 74 -21.38 17.19 3.63
C ALA A 74 -21.12 18.11 4.80
N ARG A 75 -19.83 18.32 5.09
CA ARG A 75 -19.40 19.08 6.27
C ARG A 75 -19.92 20.53 6.22
N SER A 76 -20.10 21.06 5.03
CA SER A 76 -20.58 22.43 4.86
C SER A 76 -22.10 22.54 4.64
N SER A 77 -22.76 21.41 4.52
CA SER A 77 -24.17 21.32 4.31
C SER A 77 -25.05 21.68 5.49
N ILE A 78 -26.15 22.32 5.14
CA ILE A 78 -27.22 22.58 6.04
C ILE A 78 -27.66 21.30 6.73
N PHE A 79 -27.93 21.40 8.01
CA PHE A 79 -28.33 20.28 8.86
C PHE A 79 -27.17 19.42 9.31
N PHE A 80 -26.45 18.90 8.35
CA PHE A 80 -25.30 18.07 8.62
C PHE A 80 -24.31 18.79 9.50
N ARG A 81 -24.09 20.02 9.19
CA ARG A 81 -23.19 20.83 9.96
C ARG A 81 -23.57 21.09 11.41
N GLU A 82 -24.79 20.83 11.80
CA GLU A 82 -25.23 20.97 13.20
C GLU A 82 -24.93 19.72 14.03
N LEU A 83 -24.57 18.62 13.37
CA LEU A 83 -24.27 17.38 14.09
C LEU A 83 -22.89 17.43 14.72
N LYS A 84 -22.75 16.76 15.86
CA LYS A 84 -21.43 16.61 16.49
C LYS A 84 -20.52 15.76 15.59
N VAL A 85 -19.20 15.93 15.71
CA VAL A 85 -18.25 15.22 14.83
C VAL A 85 -18.49 13.70 14.81
N ASP A 86 -18.71 13.11 15.97
CA ASP A 86 -18.91 11.68 16.02
C ASP A 86 -20.15 11.20 15.26
N ASP A 87 -21.24 12.01 15.24
CA ASP A 87 -22.41 11.66 14.42
C ASP A 87 -22.10 11.81 12.92
N GLN A 88 -21.38 12.87 12.56
CA GLN A 88 -20.96 13.07 11.15
C GLN A 88 -20.12 11.90 10.65
N MET A 89 -19.22 11.43 11.51
CA MET A 89 -18.40 10.26 11.18
C MET A 89 -19.25 9.05 10.91
N LYS A 90 -20.21 8.76 11.81
CA LYS A 90 -21.05 7.56 11.62
C LYS A 90 -21.85 7.63 10.32
N LEU A 91 -22.43 8.79 10.04
CA LEU A 91 -23.21 8.91 8.79
C LEU A 91 -22.34 8.68 7.55
N LEU A 92 -21.18 9.30 7.53
CA LEU A 92 -20.32 9.18 6.32
C LEU A 92 -19.75 7.77 6.18
N GLN A 93 -19.40 7.13 7.29
CA GLN A 93 -18.91 5.73 7.24
C GLN A 93 -19.96 4.78 6.66
N ASN A 94 -21.22 5.08 6.92
CA ASN A 94 -22.32 4.27 6.34
C ASN A 94 -22.56 4.48 4.82
N CYS A 95 -22.45 5.71 4.33
CA CYS A 95 -22.96 6.02 2.97
C CYS A 95 -21.90 6.43 1.96
N TRP A 96 -20.62 6.43 2.35
CA TRP A 96 -19.56 6.95 1.45
C TRP A 96 -19.57 6.29 0.06
N SER A 97 -19.73 4.98 0.00
CA SER A 97 -19.69 4.29 -1.31
C SER A 97 -20.99 4.46 -2.12
N GLU A 98 -22.13 4.56 -1.42
CA GLU A 98 -23.38 4.97 -2.08
C GLU A 98 -23.27 6.35 -2.66
N LEU A 99 -22.60 7.29 -1.99
CA LEU A 99 -22.48 8.64 -2.54
C LEU A 99 -21.57 8.65 -3.75
N LEU A 100 -20.47 7.87 -3.70
CA LEU A 100 -19.61 7.69 -4.89
C LEU A 100 -20.34 7.11 -6.11
N ILE A 101 -21.19 6.11 -5.87
CA ILE A 101 -21.96 5.47 -6.91
C ILE A 101 -22.98 6.45 -7.46
N LEU A 102 -23.68 7.17 -6.56
CA LEU A 102 -24.70 8.13 -6.99
C LEU A 102 -24.07 9.25 -7.83
N ASP A 103 -22.90 9.73 -7.39
CA ASP A 103 -22.12 10.69 -8.17
C ASP A 103 -21.79 10.18 -9.59
N HIS A 104 -21.33 8.93 -9.70
CA HIS A 104 -20.97 8.30 -10.98
C HIS A 104 -22.21 8.13 -11.89
N ILE A 105 -23.28 7.59 -11.32
CA ILE A 105 -24.50 7.38 -12.07
C ILE A 105 -25.05 8.72 -12.60
N TYR A 106 -25.09 9.75 -11.76
CA TYR A 106 -25.66 11.01 -12.19
C TYR A 106 -24.83 11.63 -13.29
N ARG A 107 -23.50 11.46 -13.19
CA ARG A 107 -22.60 11.93 -14.26
C ARG A 107 -22.90 11.23 -15.60
N GLN A 108 -23.08 9.91 -15.56
CA GLN A 108 -23.44 9.16 -16.77
C GLN A 108 -24.79 9.62 -17.32
N VAL A 109 -25.70 9.99 -16.42
CA VAL A 109 -27.03 10.44 -16.84
C VAL A 109 -26.94 11.74 -17.62
N VAL A 110 -26.19 12.69 -17.10
CA VAL A 110 -26.07 13.97 -17.79
C VAL A 110 -25.19 13.91 -19.07
N HIS A 111 -24.09 13.16 -19.05
CA HIS A 111 -23.10 13.19 -20.15
C HIS A 111 -22.97 11.89 -20.97
N GLY A 135 -12.49 -7.51 -17.08
CA GLY A 135 -12.50 -8.52 -16.05
C GLY A 135 -13.78 -9.29 -16.03
N ALA A 136 -14.34 -9.51 -14.85
CA ALA A 136 -15.60 -10.20 -14.72
C ALA A 136 -16.52 -9.63 -13.62
N THR A 137 -16.06 -9.57 -12.40
CA THR A 137 -16.80 -8.94 -11.33
C THR A 137 -17.04 -7.47 -11.68
N LEU A 138 -16.03 -6.91 -12.27
CA LEU A 138 -16.07 -5.55 -12.64
C LEU A 138 -17.16 -5.41 -13.69
N ASN A 139 -17.28 -6.40 -14.53
CA ASN A 139 -18.23 -6.39 -15.59
C ASN A 139 -19.66 -6.43 -15.09
N ASN A 140 -19.90 -7.29 -14.14
CA ASN A 140 -21.18 -7.41 -13.46
C ASN A 140 -21.55 -6.08 -12.78
N LEU A 141 -20.55 -5.43 -12.17
CA LEU A 141 -20.72 -4.16 -11.51
C LEU A 141 -21.09 -3.07 -12.53
N MET A 142 -20.33 -3.00 -13.62
CA MET A 142 -20.58 -2.03 -14.70
C MET A 142 -21.96 -2.16 -15.31
N SER A 143 -22.35 -3.41 -15.60
CA SER A 143 -23.64 -3.70 -16.21
C SER A 143 -24.80 -3.29 -15.30
N HIS A 144 -24.73 -3.63 -14.02
CA HIS A 144 -25.72 -3.16 -13.04
C HIS A 144 -25.79 -1.63 -12.94
N ALA A 145 -24.64 -0.97 -12.95
CA ALA A 145 -24.58 0.48 -12.91
C ALA A 145 -25.23 1.07 -14.15
N GLN A 146 -25.02 0.42 -15.29
CA GLN A 146 -25.60 0.90 -16.54
C GLN A 146 -27.11 0.73 -16.61
N GLU A 147 -27.64 -0.32 -15.99
CA GLU A 147 -29.10 -0.47 -15.85
C GLU A 147 -29.71 0.71 -15.10
N LEU A 148 -29.13 1.07 -13.96
CA LEU A 148 -29.55 2.27 -13.21
C LEU A 148 -29.48 3.54 -14.00
N VAL A 149 -28.37 3.75 -14.70
CA VAL A 149 -28.25 4.91 -15.58
C VAL A 149 -29.37 4.98 -16.64
N ALA A 150 -29.65 3.86 -17.30
CA ALA A 150 -30.65 3.84 -18.36
C ALA A 150 -32.06 4.15 -17.79
N LYS A 151 -32.35 3.62 -16.60
CA LYS A 151 -33.62 3.91 -15.92
C LYS A 151 -33.76 5.40 -15.58
N LEU A 152 -32.70 5.99 -15.00
CA LEU A 152 -32.74 7.40 -14.62
C LEU A 152 -32.82 8.32 -15.83
N ARG A 153 -32.11 7.97 -16.91
CA ARG A 153 -32.25 8.71 -18.18
C ARG A 153 -33.71 8.71 -18.68
N SER A 154 -34.35 7.55 -18.62
CA SER A 154 -35.76 7.39 -19.07
C SER A 154 -36.72 8.26 -18.29
N LEU A 155 -36.48 8.38 -16.98
CA LEU A 155 -37.28 9.20 -16.09
C LEU A 155 -37.01 10.69 -16.23
N GLN A 156 -35.95 11.07 -16.96
CA GLN A 156 -35.52 12.46 -17.01
C GLN A 156 -35.16 12.97 -15.60
N PHE A 157 -34.39 12.14 -14.90
CA PHE A 157 -33.77 12.47 -13.63
C PHE A 157 -33.03 13.78 -13.74
N ASP A 158 -33.34 14.72 -12.86
CA ASP A 158 -32.71 16.06 -12.89
C ASP A 158 -31.94 16.45 -11.63
N GLN A 159 -31.32 17.63 -11.65
CA GLN A 159 -30.49 18.04 -10.52
C GLN A 159 -31.23 18.23 -9.20
N ARG A 160 -32.50 18.67 -9.26
CA ARG A 160 -33.28 18.87 -8.03
C ARG A 160 -33.57 17.53 -7.38
N GLU A 161 -33.89 16.54 -8.21
CA GLU A 161 -34.12 15.16 -7.72
C GLU A 161 -32.85 14.55 -7.15
N PHE A 162 -31.75 14.76 -7.87
CA PHE A 162 -30.44 14.29 -7.48
C PHE A 162 -30.05 14.76 -6.08
N VAL A 163 -30.20 16.05 -5.80
CA VAL A 163 -29.77 16.56 -4.48
C VAL A 163 -30.64 16.03 -3.36
N CYS A 164 -31.92 15.79 -3.67
CA CYS A 164 -32.80 15.15 -2.68
C CYS A 164 -32.29 13.74 -2.39
N LEU A 165 -31.96 12.97 -3.42
CA LEU A 165 -31.53 11.57 -3.17
C LEU A 165 -30.21 11.56 -2.41
N LYS A 166 -29.34 12.55 -2.68
CA LYS A 166 -28.06 12.60 -1.94
C LYS A 166 -28.30 12.83 -0.45
N PHE A 167 -29.27 13.68 -0.11
CA PHE A 167 -29.59 13.89 1.29
C PHE A 167 -30.25 12.69 1.93
N LEU A 168 -31.07 11.96 1.16
CA LEU A 168 -31.74 10.77 1.71
C LEU A 168 -30.70 9.68 1.96
N VAL A 169 -29.69 9.61 1.10
CA VAL A 169 -28.58 8.66 1.26
C VAL A 169 -27.70 9.03 2.46
N LEU A 170 -27.37 10.32 2.54
CA LEU A 170 -26.57 10.79 3.68
C LEU A 170 -27.28 10.61 5.02
N PHE A 171 -28.56 11.02 5.11
CA PHE A 171 -29.24 10.94 6.38
C PHE A 171 -29.98 9.61 6.48
N SER A 172 -29.23 8.55 6.78
CA SER A 172 -29.72 7.18 6.67
C SER A 172 -30.27 6.63 7.99
N LEU A 173 -31.48 6.07 7.93
CA LEU A 173 -32.08 5.47 9.11
C LEU A 173 -31.34 4.19 9.52
N ASP A 174 -30.45 3.70 8.66
CA ASP A 174 -29.66 2.48 8.92
C ASP A 174 -28.60 2.71 10.00
N VAL A 175 -28.28 3.95 10.27
CA VAL A 175 -27.13 4.25 11.13
C VAL A 175 -27.50 4.17 12.61
N LYS A 176 -26.80 3.27 13.30
CA LYS A 176 -26.96 3.03 14.72
C LYS A 176 -26.05 3.92 15.56
N ASN A 177 -26.50 4.13 16.76
CA ASN A 177 -25.76 4.80 17.73
C ASN A 177 -25.52 6.29 17.47
N LEU A 178 -26.36 6.94 16.71
CA LEU A 178 -26.29 8.38 16.61
C LEU A 178 -26.83 9.03 17.85
N GLU A 179 -26.22 10.12 18.25
CA GLU A 179 -26.71 10.94 19.31
C GLU A 179 -27.96 11.75 18.90
N ASN A 180 -27.97 12.30 17.70
CA ASN A 180 -29.16 12.96 17.21
C ASN A 180 -29.80 12.16 16.07
N PHE A 181 -30.48 11.09 16.42
CA PHE A 181 -31.21 10.32 15.46
C PHE A 181 -32.43 11.08 14.96
N GLN A 182 -32.97 11.95 15.80
CA GLN A 182 -34.13 12.71 15.43
C GLN A 182 -33.88 13.49 14.16
N LEU A 183 -32.70 14.04 14.03
CA LEU A 183 -32.45 14.84 12.85
C LEU A 183 -32.56 13.98 11.58
N VAL A 184 -32.10 12.75 11.67
CA VAL A 184 -32.24 11.81 10.53
C VAL A 184 -33.71 11.59 10.20
N GLU A 185 -34.55 11.41 11.23
CA GLU A 185 -36.00 11.19 11.00
C GLU A 185 -36.61 12.42 10.30
N GLY A 186 -36.30 13.60 10.81
CA GLY A 186 -36.80 14.87 10.22
C GLY A 186 -36.34 15.07 8.77
N VAL A 187 -35.06 14.85 8.53
CA VAL A 187 -34.56 15.02 7.16
C VAL A 187 -35.28 14.02 6.26
N GLN A 188 -35.35 12.77 6.70
CA GLN A 188 -36.08 11.76 5.88
C GLN A 188 -37.50 12.21 5.57
N GLU A 189 -38.23 12.64 6.60
CA GLU A 189 -39.62 13.07 6.39
C GLU A 189 -39.73 14.25 5.45
N GLN A 190 -38.92 15.29 5.70
CA GLN A 190 -39.11 16.55 4.93
C GLN A 190 -38.56 16.48 3.51
N VAL A 191 -37.44 15.79 3.34
CA VAL A 191 -36.86 15.67 1.99
C VAL A 191 -37.75 14.75 1.14
N ASN A 192 -38.26 13.67 1.72
CA ASN A 192 -39.29 12.89 1.00
C ASN A 192 -40.48 13.77 0.56
N ALA A 193 -41.04 14.54 1.50
CA ALA A 193 -42.16 15.43 1.17
C ALA A 193 -41.81 16.41 0.05
N ALA A 194 -40.58 16.97 0.13
CA ALA A 194 -40.16 17.99 -0.87
C ALA A 194 -40.00 17.34 -2.22
N LEU A 195 -39.41 16.14 -2.23
CA LEU A 195 -39.21 15.43 -3.49
C LEU A 195 -40.56 15.07 -4.11
N LEU A 196 -41.51 14.63 -3.29
CA LEU A 196 -42.84 14.30 -3.83
C LEU A 196 -43.52 15.55 -4.44
N ASP A 197 -43.47 16.64 -3.70
CA ASP A 197 -44.03 17.93 -4.12
C ASP A 197 -43.40 18.34 -5.45
N TYR A 198 -42.07 18.28 -5.49
CA TYR A 198 -41.31 18.65 -6.70
C TYR A 198 -41.70 17.81 -7.92
N THR A 199 -41.77 16.49 -7.77
CA THR A 199 -42.07 15.62 -8.92
C THR A 199 -43.51 15.76 -9.40
N MET A 200 -44.43 15.90 -8.44
CA MET A 200 -45.87 16.05 -8.76
C MET A 200 -46.11 17.34 -9.55
N CYS A 201 -45.47 18.42 -9.08
CA CYS A 201 -45.57 19.74 -9.71
C CYS A 201 -44.80 19.88 -11.02
N ASN A 202 -43.59 19.32 -11.08
CA ASN A 202 -42.75 19.50 -12.28
C ASN A 202 -42.84 18.40 -13.33
N TYR A 203 -43.27 17.20 -12.93
CA TYR A 203 -43.43 16.08 -13.83
C TYR A 203 -44.77 15.39 -13.62
N PRO A 204 -45.87 16.15 -13.70
CA PRO A 204 -47.18 15.58 -13.40
C PRO A 204 -47.54 14.39 -14.30
N GLN A 205 -47.08 14.40 -15.56
CA GLN A 205 -47.30 13.30 -16.50
C GLN A 205 -46.69 11.94 -16.10
N GLN A 206 -45.73 11.98 -15.18
CA GLN A 206 -45.16 10.76 -14.62
C GLN A 206 -45.75 10.62 -13.23
N THR A 207 -46.90 10.00 -13.15
CA THR A 207 -47.62 9.95 -11.89
C THR A 207 -46.89 9.12 -10.82
N GLU A 208 -45.95 8.26 -11.24
CA GLU A 208 -45.20 7.46 -10.27
C GLU A 208 -43.70 7.82 -10.18
N LYS A 209 -43.34 9.03 -10.59
CA LYS A 209 -41.90 9.35 -10.60
C LYS A 209 -41.28 9.30 -9.21
N PHE A 210 -41.99 9.86 -8.23
CA PHE A 210 -41.46 9.84 -6.84
C PHE A 210 -41.12 8.40 -6.46
N GLY A 211 -42.09 7.51 -6.58
CA GLY A 211 -41.89 6.09 -6.17
C GLY A 211 -40.82 5.40 -7.00
N GLN A 212 -40.78 5.70 -8.29
CA GLN A 212 -39.78 5.09 -9.13
C GLN A 212 -38.36 5.55 -8.78
N LEU A 213 -38.21 6.77 -8.34
CA LEU A 213 -36.92 7.24 -7.90
C LEU A 213 -36.47 6.57 -6.58
N LEU A 214 -37.34 6.51 -5.60
CA LEU A 214 -37.03 5.89 -4.34
C LEU A 214 -36.65 4.43 -4.51
N LEU A 215 -37.23 3.75 -5.47
CA LEU A 215 -36.90 2.36 -5.70
C LEU A 215 -35.46 2.15 -6.11
N ARG A 216 -34.81 3.19 -6.59
CA ARG A 216 -33.42 3.09 -7.01
C ARG A 216 -32.49 3.06 -5.81
N LEU A 217 -32.94 3.58 -4.68
CA LEU A 217 -32.07 3.66 -3.51
C LEU A 217 -31.53 2.30 -2.99
N PRO A 218 -32.36 1.29 -2.83
CA PRO A 218 -31.84 -0.03 -2.49
C PRO A 218 -30.92 -0.60 -3.58
N GLU A 219 -31.17 -0.28 -4.83
CA GLU A 219 -30.27 -0.59 -5.92
C GLU A 219 -28.85 0.04 -5.82
N ILE A 220 -28.81 1.30 -5.43
CA ILE A 220 -27.58 1.97 -5.18
C ILE A 220 -26.84 1.32 -4.03
N ARG A 221 -27.55 0.99 -2.97
CA ARG A 221 -26.92 0.29 -1.88
C ARG A 221 -26.29 -1.02 -2.34
N ALA A 222 -27.08 -1.81 -3.07
CA ALA A 222 -26.58 -3.10 -3.56
C ALA A 222 -25.32 -2.96 -4.42
N ILE A 223 -25.30 -1.99 -5.34
CA ILE A 223 -24.18 -1.80 -6.23
C ILE A 223 -22.95 -1.28 -5.45
N SER A 224 -23.20 -0.43 -4.45
CA SER A 224 -22.12 0.09 -3.61
C SER A 224 -21.47 -1.05 -2.84
N MET A 225 -22.27 -2.02 -2.35
CA MET A 225 -21.70 -3.17 -1.65
C MET A 225 -20.87 -4.04 -2.60
N GLN A 226 -21.34 -4.21 -3.84
CA GLN A 226 -20.59 -4.94 -4.89
C GLN A 226 -19.26 -4.25 -5.17
N ALA A 227 -19.31 -2.92 -5.29
CA ALA A 227 -18.10 -2.13 -5.56
C ALA A 227 -17.10 -2.19 -4.39
N GLU A 228 -17.59 -2.19 -3.15
CA GLU A 228 -16.68 -2.32 -1.99
C GLU A 228 -16.05 -3.72 -1.94
N GLU A 229 -16.83 -4.76 -2.24
CA GLU A 229 -16.31 -6.13 -2.24
C GLU A 229 -15.17 -6.23 -3.29
N TYR A 230 -15.43 -5.70 -4.48
CA TYR A 230 -14.44 -5.68 -5.57
C TYR A 230 -13.17 -4.93 -5.14
N LEU A 231 -13.34 -3.74 -4.58
CA LEU A 231 -12.20 -2.92 -4.15
C LEU A 231 -11.43 -3.59 -3.01
N TYR A 232 -12.17 -4.25 -2.11
CA TYR A 232 -11.58 -4.93 -0.95
C TYR A 232 -10.66 -6.07 -1.39
N TYR A 233 -11.13 -6.84 -2.37
CA TYR A 233 -10.29 -7.87 -3.01
C TYR A 233 -8.98 -7.33 -3.61
N LYS A 234 -9.08 -6.25 -4.41
CA LYS A 234 -7.90 -5.62 -5.02
C LYS A 234 -6.94 -5.11 -3.94
N HIS A 235 -7.52 -4.58 -2.86
CA HIS A 235 -6.80 -4.11 -1.71
C HIS A 235 -6.00 -5.22 -1.01
N LEU A 236 -6.63 -6.38 -0.77
CA LEU A 236 -5.93 -7.55 -0.22
C LEU A 236 -4.75 -8.00 -1.08
N ASN A 237 -4.86 -7.81 -2.40
CA ASN A 237 -3.79 -8.08 -3.36
C ASN A 237 -2.81 -6.91 -3.51
N GLY A 238 -2.97 -5.90 -2.67
CA GLY A 238 -2.09 -4.71 -2.66
C GLY A 238 -2.00 -3.90 -3.92
N ASP A 239 -3.10 -3.81 -4.68
CA ASP A 239 -3.15 -3.10 -5.97
C ASP A 239 -3.85 -1.73 -5.91
N VAL A 240 -4.39 -1.38 -4.76
CA VAL A 240 -5.11 -0.12 -4.63
C VAL A 240 -4.16 0.93 -4.05
N PRO A 241 -4.03 2.09 -4.70
CA PRO A 241 -3.26 3.14 -4.05
C PRO A 241 -3.84 3.39 -2.67
N TYR A 242 -2.97 3.56 -1.68
CA TYR A 242 -3.42 3.57 -0.30
C TYR A 242 -2.83 4.74 0.47
N ASN A 243 -2.90 4.67 1.81
CA ASN A 243 -2.54 5.81 2.64
C ASN A 243 -3.38 7.00 2.22
N ASN A 244 -4.68 6.74 2.03
CA ASN A 244 -5.61 7.75 1.56
C ASN A 244 -6.99 7.56 2.21
N LEU A 245 -7.93 8.40 1.81
CA LEU A 245 -9.26 8.39 2.42
C LEU A 245 -10.05 7.19 1.91
N LEU A 246 -9.93 6.89 0.61
CA LEU A 246 -10.62 5.73 0.03
C LEU A 246 -10.34 4.43 0.81
N ILE A 247 -9.06 4.16 1.05
CA ILE A 247 -8.69 2.95 1.82
C ILE A 247 -9.23 2.91 3.25
N GLU A 248 -9.19 4.05 3.95
CA GLU A 248 -9.72 4.14 5.29
C GLU A 248 -11.19 3.75 5.34
N MET A 249 -11.93 4.13 4.31
CA MET A 249 -13.37 3.90 4.34
C MET A 249 -13.70 2.44 4.08
N LEU A 250 -12.86 1.81 3.27
CA LEU A 250 -13.00 0.40 2.95
C LEU A 250 -12.82 -0.44 4.21
N HIS A 251 -11.84 -0.02 5.02
CA HIS A 251 -11.46 -0.68 6.27
C HIS A 251 -12.45 -0.51 7.39
N ALA A 252 -12.94 0.72 7.55
CA ALA A 252 -13.82 1.10 8.65
C ALA A 252 -15.21 0.45 8.57
N SER B 14 40.81 -26.40 7.08
CA SER B 14 40.83 -25.18 6.20
C SER B 14 39.63 -24.25 6.48
N ILE B 15 38.51 -24.88 6.87
CA ILE B 15 37.29 -24.14 7.20
C ILE B 15 36.83 -24.55 8.59
N PRO B 16 36.69 -23.55 9.51
CA PRO B 16 36.17 -23.83 10.87
C PRO B 16 34.90 -24.65 10.81
N HIS B 17 34.77 -25.63 11.71
CA HIS B 17 33.58 -26.47 11.75
C HIS B 17 32.27 -25.66 11.82
N LEU B 18 32.28 -24.60 12.64
CA LEU B 18 31.11 -23.72 12.75
C LEU B 18 30.66 -23.12 11.38
N ILE B 19 31.63 -22.65 10.59
CA ILE B 19 31.30 -22.14 9.26
C ILE B 19 30.66 -23.22 8.35
N LEU B 20 31.16 -24.45 8.42
CA LEU B 20 30.53 -25.55 7.67
C LEU B 20 29.06 -25.73 8.05
N GLU B 21 28.77 -25.61 9.35
CA GLU B 21 27.37 -25.70 9.81
C GLU B 21 26.54 -24.49 9.36
N LEU B 22 27.10 -23.28 9.44
CA LEU B 22 26.38 -22.09 8.92
C LEU B 22 26.07 -22.25 7.44
N LEU B 23 27.03 -22.77 6.67
CA LEU B 23 26.85 -22.96 5.24
C LEU B 23 25.63 -23.84 4.90
N LYS B 24 25.27 -24.78 5.78
CA LYS B 24 24.08 -25.64 5.57
C LYS B 24 22.76 -24.88 5.55
N CYS B 25 22.75 -23.71 6.16
CA CYS B 25 21.59 -22.83 6.18
C CYS B 25 21.36 -22.09 4.87
N GLU B 26 22.33 -22.10 3.96
CA GLU B 26 22.20 -21.31 2.74
C GLU B 26 21.15 -21.94 1.83
N PRO B 27 20.30 -21.11 1.21
CA PRO B 27 19.33 -21.62 0.23
C PRO B 27 20.06 -22.03 -1.04
N ASP B 28 19.43 -22.83 -1.90
CA ASP B 28 19.98 -23.15 -3.20
C ASP B 28 19.67 -21.96 -4.13
N GLU B 29 20.73 -21.29 -4.56
CA GLU B 29 20.62 -20.03 -5.28
C GLU B 29 19.79 -20.16 -6.56
N PRO B 30 20.08 -21.17 -7.39
CA PRO B 30 19.28 -21.32 -8.62
C PRO B 30 17.79 -21.57 -8.38
N GLN B 31 17.43 -22.27 -7.29
CA GLN B 31 16.02 -22.51 -6.96
C GLN B 31 15.34 -21.22 -6.49
N VAL B 32 16.07 -20.39 -5.74
CA VAL B 32 15.49 -19.12 -5.27
C VAL B 32 15.30 -18.18 -6.45
N GLN B 33 16.30 -18.11 -7.32
CA GLN B 33 16.23 -17.27 -8.53
C GLN B 33 15.01 -17.66 -9.36
N ALA B 34 14.88 -18.94 -9.65
CA ALA B 34 13.77 -19.45 -10.44
C ALA B 34 12.44 -19.17 -9.78
N LYS B 35 12.36 -19.37 -8.47
CA LYS B 35 11.11 -19.14 -7.74
C LYS B 35 10.65 -17.67 -7.77
N ILE B 36 11.57 -16.75 -7.51
CA ILE B 36 11.22 -15.33 -7.48
C ILE B 36 10.93 -14.80 -8.89
N MET B 37 11.76 -15.18 -9.86
CA MET B 37 11.47 -14.83 -11.25
C MET B 37 10.08 -15.31 -11.66
N ALA B 38 9.72 -16.57 -11.35
CA ALA B 38 8.39 -17.11 -11.72
C ALA B 38 7.29 -16.36 -11.03
N TYR B 39 7.48 -16.11 -9.74
CA TYR B 39 6.48 -15.35 -8.96
C TYR B 39 6.22 -13.99 -9.64
N LEU B 40 7.28 -13.26 -9.94
CA LEU B 40 7.09 -11.94 -10.55
C LEU B 40 6.46 -12.04 -11.95
N GLN B 41 6.83 -13.06 -12.72
CA GLN B 41 6.19 -13.24 -14.03
C GLN B 41 4.68 -13.52 -13.90
N GLN B 42 4.31 -14.42 -13.00
CA GLN B 42 2.89 -14.73 -12.79
C GLN B 42 2.09 -13.56 -12.25
N GLU B 43 2.66 -12.84 -11.30
CA GLU B 43 2.02 -11.63 -10.76
C GLU B 43 1.62 -10.67 -11.85
N GLN B 44 2.54 -10.39 -12.76
CA GLN B 44 2.25 -9.50 -13.86
C GLN B 44 1.28 -10.12 -14.88
N ALA B 45 1.43 -11.41 -15.18
CA ALA B 45 0.56 -12.12 -16.16
C ALA B 45 -0.89 -12.16 -15.72
N ASN B 46 -1.13 -12.30 -14.42
CA ASN B 46 -2.48 -12.33 -13.87
C ASN B 46 -3.20 -10.99 -13.82
N ARG B 47 -2.49 -9.91 -14.12
CA ARG B 47 -3.07 -8.59 -14.12
C ARG B 47 -3.46 -8.21 -15.55
N SER B 48 -4.61 -7.54 -15.71
CA SER B 48 -5.02 -7.02 -17.03
C SER B 48 -4.16 -5.84 -17.44
N LYS B 49 -4.25 -5.47 -18.72
CA LYS B 49 -3.41 -4.37 -19.20
C LYS B 49 -3.73 -3.07 -18.45
N HIS B 50 -4.89 -3.00 -17.81
CA HIS B 50 -5.29 -1.79 -17.07
C HIS B 50 -4.78 -1.74 -15.64
N GLU B 51 -4.16 -2.83 -15.18
CA GLU B 51 -3.69 -2.89 -13.80
C GLU B 51 -2.28 -3.47 -13.67
N LYS B 52 -1.48 -3.35 -14.72
CA LYS B 52 -0.10 -3.83 -14.68
C LYS B 52 0.73 -3.09 -13.62
N LEU B 53 1.63 -3.83 -12.97
CA LEU B 53 2.59 -3.25 -12.02
C LEU B 53 3.65 -2.43 -12.75
N SER B 54 4.03 -1.32 -12.15
CA SER B 54 5.16 -0.55 -12.67
C SER B 54 6.44 -1.27 -12.33
N THR B 55 7.53 -0.88 -12.99
CA THR B 55 8.84 -1.38 -12.63
C THR B 55 9.07 -1.20 -11.13
N PHE B 56 8.73 -0.03 -10.60
CA PHE B 56 8.90 0.19 -9.15
C PHE B 56 8.13 -0.87 -8.33
N GLY B 57 6.89 -1.14 -8.73
CA GLY B 57 6.06 -2.09 -7.97
C GLY B 57 6.63 -3.50 -8.04
N LEU B 58 7.11 -3.89 -9.23
CA LEU B 58 7.77 -5.19 -9.40
C LEU B 58 9.02 -5.32 -8.53
N MET B 59 9.84 -4.27 -8.52
CA MET B 59 11.05 -4.29 -7.68
C MET B 59 10.71 -4.43 -6.21
N CYS B 60 9.62 -3.78 -5.78
CA CYS B 60 9.18 -3.89 -4.40
C CYS B 60 8.74 -5.31 -4.07
N LYS B 61 7.98 -5.93 -4.97
CA LYS B 61 7.60 -7.33 -4.78
C LYS B 61 8.81 -8.27 -4.81
N MET B 62 9.80 -7.97 -5.65
CA MET B 62 11.05 -8.71 -5.66
C MET B 62 11.74 -8.65 -4.27
N ALA B 63 11.81 -7.44 -3.69
CA ALA B 63 12.41 -7.28 -2.35
C ALA B 63 11.59 -8.05 -1.30
N ASP B 64 10.27 -8.02 -1.43
CA ASP B 64 9.37 -8.72 -0.51
C ASP B 64 9.64 -10.24 -0.56
N GLN B 65 9.76 -10.81 -1.77
CA GLN B 65 10.10 -12.24 -1.90
C GLN B 65 11.49 -12.56 -1.33
N THR B 66 12.46 -11.68 -1.56
CA THR B 66 13.80 -11.84 -1.02
C THR B 66 13.73 -11.86 0.51
N LEU B 67 12.91 -10.99 1.08
CA LEU B 67 12.71 -11.01 2.55
C LEU B 67 12.15 -12.32 3.04
N PHE B 68 11.16 -12.87 2.34
CA PHE B 68 10.66 -14.21 2.67
C PHE B 68 11.79 -15.26 2.68
N SER B 69 12.67 -15.18 1.70
CA SER B 69 13.78 -16.12 1.61
C SER B 69 14.76 -15.91 2.78
N ILE B 70 15.00 -14.66 3.12
CA ILE B 70 15.81 -14.34 4.33
C ILE B 70 15.22 -14.92 5.63
N VAL B 71 13.91 -14.81 5.79
CA VAL B 71 13.28 -15.35 6.98
C VAL B 71 13.42 -16.87 7.03
N GLU B 72 13.23 -17.51 5.88
CA GLU B 72 13.45 -18.96 5.78
C GLU B 72 14.89 -19.33 6.15
N TRP B 73 15.87 -18.52 5.73
CA TRP B 73 17.25 -18.75 6.11
C TRP B 73 17.43 -18.67 7.65
N ALA B 74 16.97 -17.59 8.25
CA ALA B 74 17.07 -17.41 9.70
C ALA B 74 16.43 -18.58 10.48
N ARG B 75 15.25 -19.02 10.03
CA ARG B 75 14.52 -20.13 10.68
C ARG B 75 15.23 -21.48 10.66
N SER B 76 16.12 -21.65 9.69
CA SER B 76 16.84 -22.92 9.53
C SER B 76 18.05 -23.08 10.47
N SER B 77 18.43 -22.00 11.17
CA SER B 77 19.60 -21.97 12.06
C SER B 77 19.17 -22.44 13.46
N ILE B 78 19.92 -23.37 14.04
CA ILE B 78 19.61 -23.82 15.42
C ILE B 78 19.74 -22.66 16.41
N PHE B 79 20.70 -21.76 16.17
CA PHE B 79 20.89 -20.57 17.03
C PHE B 79 19.59 -19.75 17.12
N PHE B 80 18.99 -19.51 15.96
CA PHE B 80 17.79 -18.70 15.88
C PHE B 80 16.59 -19.41 16.54
N ARG B 81 16.55 -20.73 16.39
CA ARG B 81 15.48 -21.56 16.98
C ARG B 81 15.59 -21.68 18.53
N GLU B 82 16.73 -21.31 19.09
CA GLU B 82 16.88 -21.26 20.55
C GLU B 82 16.20 -20.01 21.14
N LEU B 83 15.70 -19.13 20.26
CA LEU B 83 15.03 -17.92 20.72
C LEU B 83 13.54 -18.09 20.66
N LYS B 84 12.84 -17.56 21.68
CA LYS B 84 11.38 -17.52 21.62
C LYS B 84 10.96 -16.64 20.43
N VAL B 85 9.76 -16.89 19.91
CA VAL B 85 9.25 -16.13 18.73
C VAL B 85 9.29 -14.59 18.90
N ASP B 86 9.04 -14.10 20.10
CA ASP B 86 9.17 -12.65 20.33
C ASP B 86 10.60 -12.12 20.14
N ASP B 87 11.61 -12.88 20.58
CA ASP B 87 13.02 -12.50 20.40
C ASP B 87 13.40 -12.61 18.90
N GLN B 88 12.88 -13.64 18.24
CA GLN B 88 13.11 -13.83 16.83
C GLN B 88 12.58 -12.60 16.05
N MET B 89 11.38 -12.15 16.40
CA MET B 89 10.79 -10.96 15.78
C MET B 89 11.58 -9.66 16.04
N LYS B 90 12.06 -9.48 17.25
CA LYS B 90 12.88 -8.31 17.57
C LYS B 90 14.18 -8.28 16.76
N LEU B 91 14.85 -9.43 16.64
CA LEU B 91 16.06 -9.49 15.79
C LEU B 91 15.78 -9.17 14.32
N LEU B 92 14.75 -9.78 13.76
CA LEU B 92 14.42 -9.59 12.33
C LEU B 92 13.99 -8.16 12.06
N GLN B 93 13.21 -7.57 12.98
CA GLN B 93 12.78 -6.18 12.86
C GLN B 93 13.92 -5.18 12.92
N ASN B 94 14.97 -5.50 13.68
CA ASN B 94 16.17 -4.67 13.77
C ASN B 94 17.05 -4.70 12.51
N CYS B 95 17.13 -5.84 11.83
CA CYS B 95 18.15 -5.99 10.76
C CYS B 95 17.61 -6.29 9.37
N TRP B 96 16.28 -6.25 9.18
CA TRP B 96 15.76 -6.74 7.90
C TRP B 96 16.37 -5.99 6.69
N SER B 97 16.51 -4.67 6.81
CA SER B 97 16.98 -3.87 5.66
C SER B 97 18.48 -4.06 5.47
N GLU B 98 19.20 -4.25 6.57
CA GLU B 98 20.63 -4.55 6.49
C GLU B 98 20.89 -5.85 5.76
N LEU B 99 20.07 -6.88 6.03
CA LEU B 99 20.24 -8.19 5.40
C LEU B 99 19.88 -8.10 3.92
N LEU B 100 18.84 -7.34 3.60
CA LEU B 100 18.51 -7.11 2.17
C LEU B 100 19.67 -6.44 1.44
N ILE B 101 20.25 -5.41 2.07
CA ILE B 101 21.36 -4.67 1.47
C ILE B 101 22.60 -5.55 1.33
N LEU B 102 22.96 -6.26 2.42
CA LEU B 102 24.10 -7.17 2.39
C LEU B 102 23.94 -8.26 1.32
N ASP B 103 22.76 -8.86 1.23
CA ASP B 103 22.45 -9.82 0.16
C ASP B 103 22.66 -9.22 -1.25
N HIS B 104 22.14 -8.01 -1.45
CA HIS B 104 22.30 -7.30 -2.73
C HIS B 104 23.81 -7.02 -3.05
N ILE B 105 24.54 -6.49 -2.06
CA ILE B 105 25.93 -6.17 -2.23
C ILE B 105 26.73 -7.45 -2.56
N TYR B 106 26.47 -8.56 -1.86
CA TYR B 106 27.23 -9.79 -2.13
C TYR B 106 26.89 -10.31 -3.53
N ARG B 107 25.61 -10.20 -3.90
CA ARG B 107 25.24 -10.56 -5.28
C ARG B 107 26.04 -9.81 -6.35
N GLN B 108 26.30 -8.52 -6.13
CA GLN B 108 27.09 -7.71 -7.08
C GLN B 108 28.54 -8.16 -7.07
N VAL B 109 29.08 -8.35 -5.88
CA VAL B 109 30.47 -8.84 -5.75
C VAL B 109 30.69 -10.06 -6.63
N VAL B 110 29.77 -11.02 -6.54
CA VAL B 110 29.95 -12.30 -7.18
C VAL B 110 29.53 -12.33 -8.67
N HIS B 111 28.37 -11.76 -8.96
CA HIS B 111 27.71 -11.92 -10.28
C HIS B 111 27.65 -10.63 -11.08
N GLY B 112 27.86 -9.51 -10.42
CA GLY B 112 27.75 -8.20 -11.05
C GLY B 112 28.79 -7.92 -12.11
N LYS B 113 28.41 -7.12 -13.10
CA LYS B 113 29.32 -6.66 -14.13
C LYS B 113 29.37 -5.15 -14.00
N GLU B 114 30.56 -4.59 -13.82
CA GLU B 114 30.69 -3.13 -13.80
C GLU B 114 29.86 -2.55 -14.92
N GLY B 115 29.04 -1.55 -14.60
CA GLY B 115 28.15 -0.94 -15.58
C GLY B 115 26.68 -1.29 -15.38
N SER B 116 26.41 -2.36 -14.63
CA SER B 116 25.04 -2.81 -14.43
C SER B 116 24.81 -3.45 -13.05
N ILE B 117 23.53 -3.63 -12.72
CA ILE B 117 23.10 -4.27 -11.46
C ILE B 117 22.54 -5.67 -11.74
N PHE B 118 22.97 -6.66 -10.97
CA PHE B 118 22.47 -8.03 -11.09
C PHE B 118 21.37 -8.22 -10.02
N LEU B 119 20.15 -8.57 -10.46
CA LEU B 119 19.03 -8.76 -9.54
C LEU B 119 18.88 -10.22 -9.12
N VAL B 120 18.15 -10.45 -8.02
CA VAL B 120 17.98 -11.83 -7.49
C VAL B 120 17.31 -12.73 -8.54
N THR B 121 16.58 -12.12 -9.46
CA THR B 121 15.92 -12.84 -10.59
C THR B 121 16.90 -13.24 -11.70
N GLY B 122 18.13 -12.74 -11.64
CA GLY B 122 19.11 -12.97 -12.71
C GLY B 122 19.07 -11.92 -13.79
N GLN B 123 18.12 -11.00 -13.72
CA GLN B 123 18.09 -9.90 -14.69
C GLN B 123 19.21 -8.91 -14.40
N GLN B 124 19.64 -8.19 -15.42
CA GLN B 124 20.62 -7.12 -15.23
C GLN B 124 20.02 -5.77 -15.61
N VAL B 125 20.46 -4.72 -14.92
CA VAL B 125 19.94 -3.38 -15.18
C VAL B 125 21.12 -2.46 -15.35
N ASP B 126 21.20 -1.78 -16.50
CA ASP B 126 22.29 -0.83 -16.73
C ASP B 126 22.21 0.34 -15.74
N TYR B 127 23.36 0.69 -15.16
CA TYR B 127 23.43 1.78 -14.20
C TYR B 127 23.03 3.14 -14.82
N SER B 128 23.31 3.35 -16.11
CA SER B 128 22.98 4.62 -16.78
C SER B 128 21.47 4.86 -16.85
N ILE B 129 20.69 3.76 -16.87
CA ILE B 129 19.24 3.84 -16.73
C ILE B 129 18.87 4.52 -15.40
N ILE B 130 19.49 4.07 -14.30
CA ILE B 130 19.27 4.67 -12.98
C ILE B 130 19.68 6.13 -13.04
N ALA B 131 20.88 6.37 -13.57
CA ALA B 131 21.45 7.72 -13.65
C ALA B 131 20.52 8.70 -14.36
N SER B 132 19.91 8.25 -15.46
CA SER B 132 19.05 9.12 -16.25
C SER B 132 17.60 9.18 -15.75
N GLN B 133 17.12 8.10 -15.15
CA GLN B 133 15.71 7.94 -14.85
C GLN B 133 15.33 8.14 -13.37
N ALA B 134 16.28 7.90 -12.47
CA ALA B 134 16.03 7.93 -11.02
C ALA B 134 16.33 9.29 -10.42
N GLY B 135 15.74 9.57 -9.26
CA GLY B 135 15.98 10.83 -8.57
C GLY B 135 17.27 10.76 -7.77
N ALA B 136 17.61 11.86 -7.11
CA ALA B 136 18.89 12.00 -6.41
C ALA B 136 19.08 10.94 -5.31
N THR B 137 18.03 10.67 -4.54
CA THR B 137 18.12 9.72 -3.42
C THR B 137 18.50 8.32 -3.86
N LEU B 138 17.78 7.78 -4.85
CA LEU B 138 18.09 6.43 -5.34
C LEU B 138 19.48 6.39 -5.96
N ASN B 139 19.85 7.43 -6.71
CA ASN B 139 21.19 7.48 -7.30
C ASN B 139 22.29 7.46 -6.27
N ASN B 140 22.10 8.25 -5.21
CA ASN B 140 23.06 8.31 -4.13
C ASN B 140 23.15 6.97 -3.39
N LEU B 141 21.99 6.32 -3.19
CA LEU B 141 21.94 4.97 -2.62
C LEU B 141 22.71 3.96 -3.45
N MET B 142 22.46 3.99 -4.75
CA MET B 142 23.11 3.09 -5.71
C MET B 142 24.63 3.28 -5.77
N SER B 143 25.07 4.53 -5.85
CA SER B 143 26.51 4.79 -5.91
C SER B 143 27.22 4.41 -4.60
N HIS B 144 26.61 4.70 -3.45
CA HIS B 144 27.18 4.26 -2.15
C HIS B 144 27.30 2.73 -2.12
N ALA B 145 26.26 2.05 -2.61
CA ALA B 145 26.27 0.58 -2.66
C ALA B 145 27.41 0.07 -3.54
N GLN B 146 27.56 0.67 -4.73
CA GLN B 146 28.64 0.32 -5.66
C GLN B 146 30.04 0.56 -5.06
N GLU B 147 30.20 1.63 -4.25
CA GLU B 147 31.43 1.85 -3.50
C GLU B 147 31.74 0.67 -2.56
N LEU B 148 30.73 0.17 -1.83
CA LEU B 148 30.92 -1.00 -0.96
C LEU B 148 31.28 -2.24 -1.75
N VAL B 149 30.59 -2.45 -2.87
CA VAL B 149 30.84 -3.60 -3.73
C VAL B 149 32.33 -3.61 -4.15
N ALA B 150 32.81 -2.46 -4.62
CA ALA B 150 34.20 -2.32 -5.04
C ALA B 150 35.19 -2.63 -3.92
N LYS B 151 34.97 -2.02 -2.75
CA LYS B 151 35.77 -2.34 -1.56
C LYS B 151 35.78 -3.83 -1.22
N LEU B 152 34.59 -4.45 -1.22
CA LEU B 152 34.47 -5.85 -0.87
C LEU B 152 35.13 -6.76 -1.90
N ARG B 153 35.00 -6.40 -3.17
CA ARG B 153 35.63 -7.16 -4.21
C ARG B 153 37.15 -7.09 -4.07
N SER B 154 37.65 -5.93 -3.68
CA SER B 154 39.09 -5.74 -3.49
C SER B 154 39.60 -6.57 -2.30
N LEU B 155 38.74 -6.77 -1.31
CA LEU B 155 39.10 -7.57 -0.15
C LEU B 155 38.95 -9.06 -0.37
N GLN B 156 38.46 -9.46 -1.55
CA GLN B 156 38.24 -10.86 -1.92
C GLN B 156 37.21 -11.51 -0.97
N PHE B 157 36.16 -10.75 -0.70
CA PHE B 157 35.03 -11.19 0.13
C PHE B 157 34.42 -12.43 -0.49
N ASP B 158 34.32 -13.52 0.27
CA ASP B 158 33.83 -14.78 -0.29
C ASP B 158 32.57 -15.29 0.43
N GLN B 159 32.04 -16.42 -0.03
CA GLN B 159 30.80 -16.96 0.49
C GLN B 159 30.84 -17.31 1.99
N ARG B 160 31.99 -17.78 2.46
CA ARG B 160 32.10 -18.21 3.86
C ARG B 160 32.09 -16.99 4.73
N GLU B 161 32.77 -15.94 4.26
CA GLU B 161 32.76 -14.67 5.00
C GLU B 161 31.38 -13.99 4.91
N PHE B 162 30.73 -14.09 3.75
CA PHE B 162 29.35 -13.57 3.62
C PHE B 162 28.42 -14.21 4.66
N VAL B 163 28.48 -15.53 4.80
CA VAL B 163 27.59 -16.18 5.75
C VAL B 163 27.91 -15.78 7.19
N CYS B 164 29.20 -15.61 7.52
CA CYS B 164 29.55 -15.10 8.85
C CYS B 164 28.93 -13.69 9.06
N LEU B 165 29.11 -12.79 8.09
CA LEU B 165 28.55 -11.44 8.21
C LEU B 165 27.02 -11.43 8.40
N LYS B 166 26.33 -12.31 7.68
CA LYS B 166 24.85 -12.41 7.83
C LYS B 166 24.48 -12.77 9.28
N PHE B 167 25.20 -13.73 9.86
CA PHE B 167 24.97 -14.05 11.27
C PHE B 167 25.31 -12.93 12.26
N LEU B 168 26.36 -12.18 11.98
CA LEU B 168 26.74 -11.07 12.85
C LEU B 168 25.71 -9.93 12.78
N VAL B 169 25.10 -9.76 11.61
CA VAL B 169 24.08 -8.72 11.42
C VAL B 169 22.78 -9.12 12.10
N LEU B 170 22.39 -10.38 11.93
CA LEU B 170 21.12 -10.89 12.50
C LEU B 170 21.21 -10.95 14.01
N PHE B 171 22.28 -11.56 14.53
CA PHE B 171 22.36 -11.72 16.01
C PHE B 171 23.02 -10.50 16.64
N SER B 172 22.29 -9.39 16.61
CA SER B 172 22.87 -8.09 16.93
C SER B 172 22.75 -7.77 18.40
N LEU B 173 23.83 -7.22 18.94
CA LEU B 173 23.90 -6.80 20.34
C LEU B 173 23.21 -5.45 20.60
N ASP B 174 22.77 -4.80 19.54
CA ASP B 174 22.11 -3.50 19.64
C ASP B 174 20.62 -3.60 20.01
N VAL B 175 20.09 -4.82 19.98
CA VAL B 175 18.67 -5.03 20.24
C VAL B 175 18.47 -5.15 21.74
N LYS B 176 17.69 -4.24 22.30
CA LYS B 176 17.38 -4.25 23.73
C LYS B 176 16.06 -5.00 23.99
N ASN B 177 15.88 -5.42 25.23
CA ASN B 177 14.68 -6.15 25.63
C ASN B 177 14.57 -7.56 25.00
N LEU B 178 15.71 -8.15 24.64
CA LEU B 178 15.75 -9.58 24.35
C LEU B 178 15.68 -10.37 25.63
N GLU B 179 14.83 -11.40 25.67
CA GLU B 179 14.80 -12.35 26.79
C GLU B 179 16.08 -13.18 26.89
N ASN B 180 16.59 -13.61 25.73
CA ASN B 180 17.77 -14.48 25.74
C ASN B 180 18.97 -13.76 25.11
N PHE B 181 19.41 -12.71 25.79
CA PHE B 181 20.54 -11.92 25.35
C PHE B 181 21.82 -12.74 25.37
N GLN B 182 21.88 -13.74 26.27
CA GLN B 182 23.06 -14.57 26.38
C GLN B 182 23.31 -15.34 25.09
N LEU B 183 22.25 -15.77 24.43
CA LEU B 183 22.39 -16.51 23.19
C LEU B 183 23.04 -15.64 22.11
N VAL B 184 22.58 -14.39 22.00
CA VAL B 184 23.13 -13.46 21.03
C VAL B 184 24.61 -13.19 21.32
N GLU B 185 24.97 -13.02 22.58
CA GLU B 185 26.36 -12.79 22.96
C GLU B 185 27.21 -13.97 22.51
N GLY B 186 26.69 -15.19 22.73
CA GLY B 186 27.35 -16.43 22.32
C GLY B 186 27.57 -16.54 20.82
N VAL B 187 26.56 -16.22 20.03
CA VAL B 187 26.72 -16.20 18.57
C VAL B 187 27.80 -15.20 18.15
N GLN B 188 27.74 -13.97 18.66
CA GLN B 188 28.78 -12.98 18.38
C GLN B 188 30.17 -13.53 18.71
N GLU B 189 30.32 -14.16 19.88
CA GLU B 189 31.63 -14.68 20.25
C GLU B 189 32.11 -15.76 19.27
N GLN B 190 31.26 -16.75 19.00
CA GLN B 190 31.63 -17.92 18.19
C GLN B 190 31.85 -17.51 16.74
N VAL B 191 30.97 -16.65 16.20
CA VAL B 191 31.09 -16.25 14.79
C VAL B 191 32.29 -15.34 14.52
N ASN B 192 32.53 -14.38 15.40
CA ASN B 192 33.75 -13.57 15.27
C ASN B 192 35.00 -14.43 15.33
N ALA B 193 35.03 -15.40 16.24
CA ALA B 193 36.21 -16.30 16.37
C ALA B 193 36.41 -17.11 15.10
N ALA B 194 35.32 -17.68 14.58
CA ALA B 194 35.41 -18.54 13.36
C ALA B 194 35.81 -17.71 12.14
N LEU B 195 35.27 -16.51 12.04
CA LEU B 195 35.60 -15.62 10.93
C LEU B 195 37.08 -15.25 11.00
N LEU B 196 37.56 -14.92 12.20
CA LEU B 196 38.97 -14.57 12.32
C LEU B 196 39.90 -15.75 11.89
N ASP B 197 39.61 -16.97 12.36
CA ASP B 197 40.40 -18.17 11.99
C ASP B 197 40.38 -18.40 10.48
N TYR B 198 39.19 -18.29 9.91
CA TYR B 198 38.99 -18.46 8.49
C TYR B 198 39.79 -17.49 7.60
N THR B 199 39.73 -16.20 7.91
CA THR B 199 40.42 -15.17 7.12
C THR B 199 41.94 -15.28 7.23
N MET B 200 42.44 -15.58 8.42
CA MET B 200 43.87 -15.81 8.60
C MET B 200 44.36 -17.02 7.81
N CYS B 201 43.65 -18.14 7.92
CA CYS B 201 44.00 -19.38 7.25
C CYS B 201 43.97 -19.26 5.71
N ASN B 202 42.94 -18.60 5.19
CA ASN B 202 42.69 -18.66 3.76
C ASN B 202 43.18 -17.46 2.93
N TYR B 203 43.45 -16.35 3.60
CA TYR B 203 43.92 -15.14 2.94
C TYR B 203 45.10 -14.54 3.71
N PRO B 204 46.17 -15.33 3.95
CA PRO B 204 47.32 -14.87 4.77
C PRO B 204 47.99 -13.62 4.21
N GLN B 205 47.89 -13.42 2.90
CA GLN B 205 48.47 -12.27 2.24
C GLN B 205 47.73 -10.96 2.51
N GLN B 206 46.45 -11.02 2.87
CA GLN B 206 45.76 -9.80 3.29
C GLN B 206 45.79 -9.78 4.82
N THR B 207 46.81 -9.17 5.39
CA THR B 207 47.07 -9.35 6.82
C THR B 207 46.03 -8.67 7.75
N GLU B 208 45.25 -7.71 7.23
CA GLU B 208 44.23 -7.02 8.02
C GLU B 208 42.79 -7.35 7.57
N LYS B 209 42.60 -8.49 6.88
CA LYS B 209 41.34 -8.78 6.18
C LYS B 209 40.15 -8.80 7.15
N PHE B 210 40.32 -9.49 8.27
CA PHE B 210 39.27 -9.60 9.28
C PHE B 210 38.77 -8.24 9.67
N GLY B 211 39.69 -7.38 10.12
CA GLY B 211 39.35 -6.02 10.51
C GLY B 211 38.69 -5.20 9.39
N GLN B 212 39.23 -5.35 8.19
CA GLN B 212 38.71 -4.58 7.04
C GLN B 212 37.35 -5.08 6.55
N LEU B 213 37.08 -6.37 6.65
CA LEU B 213 35.73 -6.85 6.33
C LEU B 213 34.71 -6.21 7.29
N LEU B 214 35.03 -6.21 8.58
CA LEU B 214 34.08 -5.77 9.59
C LEU B 214 33.81 -4.26 9.50
N LEU B 215 34.78 -3.50 9.01
CA LEU B 215 34.59 -2.07 8.80
C LEU B 215 33.47 -1.76 7.78
N ARG B 216 33.05 -2.76 7.04
CA ARG B 216 31.92 -2.61 6.08
C ARG B 216 30.57 -2.67 6.79
N LEU B 217 30.52 -3.19 8.01
CA LEU B 217 29.25 -3.32 8.73
C LEU B 217 28.53 -1.99 9.06
N PRO B 218 29.27 -0.99 9.59
CA PRO B 218 28.64 0.31 9.84
C PRO B 218 28.26 1.00 8.53
N GLU B 219 29.00 0.72 7.46
CA GLU B 219 28.66 1.26 6.13
C GLU B 219 27.36 0.68 5.61
N ILE B 220 27.21 -0.63 5.78
CA ILE B 220 25.96 -1.33 5.43
C ILE B 220 24.78 -0.80 6.25
N ARG B 221 25.03 -0.57 7.55
CA ARG B 221 23.97 -0.05 8.42
C ARG B 221 23.53 1.34 7.96
N ALA B 222 24.48 2.18 7.58
CA ALA B 222 24.15 3.53 7.06
C ALA B 222 23.33 3.48 5.77
N ILE B 223 23.76 2.64 4.82
CA ILE B 223 23.07 2.53 3.54
C ILE B 223 21.64 1.99 3.77
N SER B 224 21.53 1.05 4.71
CA SER B 224 20.25 0.41 5.00
C SER B 224 19.26 1.43 5.59
N MET B 225 19.74 2.35 6.43
CA MET B 225 18.90 3.41 6.99
C MET B 225 18.41 4.43 5.96
N GLN B 226 19.29 4.80 5.02
CA GLN B 226 18.92 5.63 3.87
C GLN B 226 17.91 4.90 2.97
N ALA B 227 18.09 3.58 2.83
CA ALA B 227 17.15 2.80 2.02
C ALA B 227 15.73 2.70 2.65
N GLU B 228 15.67 2.50 3.97
CA GLU B 228 14.40 2.47 4.71
C GLU B 228 13.66 3.79 4.58
N GLU B 229 14.42 4.89 4.73
CA GLU B 229 13.89 6.24 4.56
C GLU B 229 13.26 6.45 3.17
N TYR B 230 14.02 6.10 2.14
CA TYR B 230 13.55 6.13 0.76
C TYR B 230 12.26 5.31 0.59
N LEU B 231 12.28 4.05 1.03
CA LEU B 231 11.09 3.17 0.89
C LEU B 231 9.92 3.71 1.70
N TYR B 232 10.20 4.24 2.88
CA TYR B 232 9.13 4.79 3.71
C TYR B 232 8.44 6.00 3.03
N TYR B 233 9.24 6.85 2.44
CA TYR B 233 8.71 7.97 1.69
C TYR B 233 7.80 7.48 0.53
N LYS B 234 8.25 6.44 -0.20
CA LYS B 234 7.46 5.89 -1.30
C LYS B 234 6.14 5.31 -0.78
N HIS B 235 6.24 4.68 0.38
CA HIS B 235 5.07 4.13 1.06
C HIS B 235 4.03 5.23 1.46
N LEU B 236 4.51 6.35 1.99
CA LEU B 236 3.61 7.48 2.28
C LEU B 236 2.91 7.99 1.05
N ASN B 237 3.57 7.88 -0.10
CA ASN B 237 2.98 8.28 -1.37
C ASN B 237 2.06 7.21 -1.97
N GLY B 238 1.91 6.10 -1.26
CA GLY B 238 0.95 5.05 -1.59
C GLY B 238 1.43 4.16 -2.72
N ASP B 239 2.74 4.11 -2.92
CA ASP B 239 3.34 3.47 -4.10
C ASP B 239 3.91 2.05 -3.88
N VAL B 240 4.11 1.65 -2.64
CA VAL B 240 4.68 0.32 -2.38
C VAL B 240 3.56 -0.73 -2.24
N PRO B 241 3.56 -1.80 -3.08
CA PRO B 241 2.57 -2.84 -2.90
C PRO B 241 2.54 -3.28 -1.44
N TYR B 242 1.35 -3.53 -0.91
CA TYR B 242 1.26 -3.73 0.53
C TYR B 242 0.59 -5.04 0.87
N ASN B 243 0.13 -5.18 2.10
CA ASN B 243 -0.36 -6.47 2.64
C ASN B 243 0.67 -7.57 2.45
N ASN B 244 1.92 -7.23 2.73
CA ASN B 244 3.02 -8.16 2.53
C ASN B 244 4.07 -8.00 3.62
N LEU B 245 5.13 -8.79 3.54
CA LEU B 245 6.21 -8.74 4.55
C LEU B 245 7.00 -7.42 4.54
N LEU B 246 7.23 -6.89 3.35
CA LEU B 246 7.99 -5.66 3.24
C LEU B 246 7.30 -4.50 4.01
N ILE B 247 5.98 -4.32 3.83
CA ILE B 247 5.26 -3.22 4.52
C ILE B 247 5.23 -3.47 6.03
N GLU B 248 5.08 -4.74 6.39
CA GLU B 248 5.07 -5.11 7.78
C GLU B 248 6.38 -4.72 8.51
N MET B 249 7.51 -4.96 7.87
CA MET B 249 8.79 -4.55 8.46
C MET B 249 8.93 -3.03 8.49
N LEU B 250 8.44 -2.37 7.44
CA LEU B 250 8.48 -0.91 7.41
C LEU B 250 7.74 -0.32 8.64
N HIS B 251 6.68 -1.00 9.07
CA HIS B 251 5.83 -0.58 10.17
C HIS B 251 6.24 -1.13 11.54
N ALA B 252 7.37 -1.84 11.60
CA ALA B 252 7.82 -2.47 12.84
C ALA B 252 8.08 -1.44 13.93
N LYS B 253 8.04 -1.90 15.18
CA LYS B 253 8.54 -1.03 16.24
C LYS B 253 9.82 -1.56 16.85
CA SER C 2 -9.71 1.71 14.03
C SER C 2 -10.52 2.81 13.32
N ARG C 3 -10.69 3.93 14.02
CA ARG C 3 -11.37 5.10 13.45
C ARG C 3 -10.59 5.65 12.23
N PRO C 4 -11.29 6.02 11.12
CA PRO C 4 -10.61 6.55 9.93
C PRO C 4 -9.97 7.91 10.25
N ALA C 5 -8.63 7.92 10.37
CA ALA C 5 -7.87 9.11 10.79
C ALA C 5 -8.06 10.32 9.89
N ILE C 6 -7.98 10.13 8.56
CA ILE C 6 -8.15 11.27 7.64
C ILE C 6 -9.56 11.86 7.75
N LEU C 7 -10.55 10.98 7.73
CA LEU C 7 -11.94 11.46 7.84
C LEU C 7 -12.12 12.27 9.14
N TYR C 8 -11.63 11.72 10.25
CA TYR C 8 -11.76 12.37 11.53
C TYR C 8 -11.11 13.77 11.51
N ALA C 9 -9.91 13.86 10.90
CA ALA C 9 -9.19 15.11 10.81
C ALA C 9 -9.94 16.14 9.96
N LEU C 10 -10.54 15.69 8.86
CA LEU C 10 -11.33 16.58 8.01
C LEU C 10 -12.54 17.12 8.75
N LEU C 11 -13.28 16.24 9.43
CA LEU C 11 -14.48 16.70 10.13
C LEU C 11 -14.20 17.56 11.36
N SER C 12 -13.06 17.32 12.00
CA SER C 12 -12.69 18.03 13.23
C SER C 12 -12.15 19.45 13.00
N SER C 13 -11.77 19.78 11.78
CA SER C 13 -11.09 21.06 11.55
C SER C 13 -11.99 22.29 11.83
N PRO D 4 2.84 -7.93 14.28
CA PRO D 4 3.09 -8.22 12.85
C PRO D 4 2.62 -9.62 12.45
N ALA D 5 1.40 -9.70 11.87
CA ALA D 5 0.74 -10.96 11.53
C ALA D 5 1.51 -11.88 10.59
N ILE D 6 1.99 -11.34 9.46
CA ILE D 6 2.64 -12.18 8.44
C ILE D 6 3.90 -12.80 9.03
N LEU D 7 4.76 -11.98 9.65
CA LEU D 7 6.00 -12.49 10.24
C LEU D 7 5.72 -13.52 11.35
N TYR D 8 4.75 -13.21 12.22
CA TYR D 8 4.39 -14.13 13.30
C TYR D 8 3.96 -15.49 12.75
N ALA D 9 3.13 -15.45 11.71
CA ALA D 9 2.63 -16.65 11.03
C ALA D 9 3.76 -17.49 10.47
N LEU D 10 4.70 -16.82 9.79
CA LEU D 10 5.88 -17.48 9.27
C LEU D 10 6.70 -18.15 10.35
N LEU D 11 6.93 -17.46 11.47
CA LEU D 11 7.81 -17.99 12.52
C LEU D 11 7.13 -19.07 13.36
N SER D 12 5.81 -19.03 13.43
CA SER D 12 5.02 -19.96 14.25
C SER D 12 4.64 -21.25 13.52
N SER D 13 4.85 -21.28 12.20
CA SER D 13 4.45 -22.44 11.39
C SER D 13 5.21 -23.71 11.80
C1 EPH E . 13.29 4.26 -11.37
C2 EPH E . 12.32 4.07 -10.22
C4 EPH E . 14.81 2.78 -12.72
O2 EPH E . 13.58 2.98 -11.97
O4 EPH E . 15.55 3.75 -12.89
C18 EPH E . 15.15 1.42 -13.29
C19 EPH E . 14.97 0.30 -12.27
C20 EPH E . 16.08 0.27 -11.21
C21 EPH E . 16.21 -1.08 -10.52
C22 EPH E . 16.97 -0.97 -9.19
C23 EPH E . 16.66 -2.16 -8.28
C24 EPH E . 17.38 -2.10 -6.94
C25 EPH E . 17.34 -3.17 -6.13
C26 EPH E . 18.04 -3.18 -4.78
C27 EPH E . 17.68 -4.40 -3.93
C28 EPH E . 18.14 -4.12 -2.51
C29 EPH E . 17.20 -3.81 -1.61
C30 EPH E . 17.52 -3.50 -0.18
C31 EPH E . 16.29 -2.79 0.34
C32 EPH E . 16.42 -2.18 1.72
C33 EPH E . 15.28 -1.59 2.12
C34 EPH E . 15.14 -0.92 3.46
C37 EPH E . 11.82 5.43 -9.75
O5 EPH E . 12.96 6.20 -9.27
C3 EPH E . 12.90 2.00 -9.05
O1 EPH E . 13.01 3.44 -9.13
O3 EPH E . 12.05 1.41 -9.71
C5 EPH E . 13.85 1.27 -8.15
C6 EPH E . 13.07 0.85 -6.91
C7 EPH E . 13.90 0.13 -5.88
C8 EPH E . 12.90 -0.52 -4.94
C9 EPH E . 13.60 -1.59 -4.12
C10 EPH E . 12.82 -1.86 -2.85
C11 EPH E . 13.69 -1.61 -1.62
C12 EPH E . 14.36 -0.23 -1.62
C13 EPH E . 15.68 -0.14 -1.87
C14 EPH E . 16.37 1.21 -1.86
C15 EPH E . 17.58 1.18 -2.78
C16 EPH E . 18.67 0.46 -2.49
C17 EPH E . 19.84 0.48 -3.45
C35 EPH E . 20.97 -0.47 -3.03
C36 EPH E . 21.74 0.13 -1.87
P1 EPH E . 12.80 7.24 -8.05
O6 EPH E . 12.14 6.53 -6.89
O7 EPH E . 14.14 7.91 -7.82
O8 EPH E . 11.77 8.34 -8.67
C38 EPH E . 12.16 9.35 -9.60
#